data_3OH1
#
_entry.id   3OH1
#
_cell.length_a   108.226
_cell.length_b   122.320
_cell.length_c   61.221
_cell.angle_alpha   90.000
_cell.angle_beta   105.420
_cell.angle_gamma   90.000
#
_symmetry.space_group_name_H-M   'C 1 2 1'
#
loop_
_entity.id
_entity.type
_entity.pdbx_description
1 polymer 'UDP-sugar pyrophosphorylase'
2 non-polymer '(2S,3R,4S,5R,6R)-6-[[[(2R,3S,4R,5R)-5-(2,4-dioxopyrimidin-1-yl)-3,4-dihydroxy-oxolan-2-yl]methoxy-hydroxy-phosphoryl]oxy-hydroxy-phosphoryl]oxy-3,4,5-trihydroxy-oxane-2-carboxylic acid'
3 non-polymer GLYCEROL
4 water water
#
_entity_poly.entity_id   1
_entity_poly.type   'polypeptide(L)'
_entity_poly.pdbx_seq_one_letter_code
;MTNPSNSNLQALREELCTPGLDQGHLFEGWPETVDECNERQIALLTDLYMFSNMYPGGVAQYIRNGHELLARESEEVDFA
ALEMPPLIFEAPSLHRRTAERTALENAGTAMLCKTVFVLVAGGLGERLGYSSIKVSLPVETATNTTYLAYYLRWAQRVGG
KEVPFVIMTSDDTHDRTLQLLRELQLEVPNLHVLKQGQVFCFADSAAHLALDETGKLLRKPHGHGDVHSLIYNATVKRDV
VPDSGDGTATAQPLVNDWLAAGYESIVFIQDTNAGATITIPISLALSAEHSLDMNFTCIPRVPKEPIGLLCRTKKNSGDP
WLVANVEYNVFAEVSRALNKDGGDEVSDPTGFSPFPGSVNTLVFKLSSYVDRLRESHGIVPEFINPKYSDETRRSFKKPA
RIESLMQDIALLFSEDDYRVGGTVFERFSYQPVKNSLEEAAGLVAQGNGAYCAATGEAAFYELQRRRLKAIGLPLFYSSQ
PEVTVAKDAFGVRLFPIIVLDTVCASSGSLDDLARVFPTPEKVHIDQHSTLIVEGRVIIESLELYGALTIRGPTDSMALP
HVVRNAVVRNAGWSVHAILSLCAGRDSRLSEVDRIRGFVLKKTAMAVMDCNTKGESEAGAPSGAADPAKLMRRLEHHHHH
H
;
_entity_poly.pdbx_strand_id   A
#
# COMPACT_ATOMS: atom_id res chain seq x y z
N ASN A 3 -28.32 -22.42 7.63
CA ASN A 3 -27.67 -23.02 6.46
C ASN A 3 -27.13 -24.44 6.68
N PRO A 4 -26.53 -24.70 7.86
CA PRO A 4 -25.84 -25.98 8.12
C PRO A 4 -26.76 -27.10 8.63
N SER A 5 -27.54 -27.68 7.72
CA SER A 5 -28.32 -28.87 8.01
C SER A 5 -27.40 -30.03 8.39
N ASN A 6 -27.82 -30.86 9.35
CA ASN A 6 -27.01 -32.01 9.74
C ASN A 6 -26.79 -32.96 8.56
N SER A 7 -27.70 -32.91 7.59
CA SER A 7 -27.65 -33.74 6.40
C SER A 7 -26.55 -33.29 5.43
N ASN A 8 -26.42 -31.98 5.26
CA ASN A 8 -25.44 -31.42 4.35
C ASN A 8 -24.03 -31.56 4.91
N LEU A 9 -23.95 -31.55 6.24
CA LEU A 9 -22.67 -31.63 6.94
C LEU A 9 -22.11 -33.04 6.92
N GLN A 10 -23.00 -34.03 6.90
CA GLN A 10 -22.59 -35.42 6.68
C GLN A 10 -22.19 -35.64 5.24
N ALA A 11 -22.90 -35.02 4.31
CA ALA A 11 -22.61 -35.23 2.89
C ALA A 11 -21.21 -34.68 2.56
N LEU A 12 -20.93 -33.49 3.07
CA LEU A 12 -19.66 -32.84 2.91
C LEU A 12 -18.56 -33.62 3.60
N ARG A 13 -18.83 -34.10 4.81
CA ARG A 13 -17.89 -34.99 5.49
C ARG A 13 -17.57 -36.23 4.63
N GLU A 14 -18.59 -36.78 3.99
CA GLU A 14 -18.45 -37.95 3.12
C GLU A 14 -17.60 -37.56 1.92
N GLU A 15 -17.91 -36.39 1.37
CA GLU A 15 -17.26 -35.97 0.16
C GLU A 15 -15.76 -35.77 0.39
N LEU A 16 -15.43 -35.18 1.53
CA LEU A 16 -14.04 -34.86 1.81
C LEU A 16 -13.16 -36.07 2.07
N CYS A 17 -13.78 -37.22 2.33
CA CYS A 17 -13.00 -38.46 2.51
C CYS A 17 -12.80 -39.26 1.24
N THR A 18 -13.26 -38.73 0.11
CA THR A 18 -13.12 -39.44 -1.16
C THR A 18 -11.78 -39.20 -1.81
N PRO A 19 -11.36 -40.16 -2.63
CA PRO A 19 -10.07 -40.15 -3.31
C PRO A 19 -9.87 -38.84 -4.05
N GLY A 20 -8.71 -38.21 -3.89
CA GLY A 20 -8.43 -36.91 -4.49
C GLY A 20 -8.74 -35.75 -3.55
N LEU A 21 -9.50 -36.04 -2.50
CA LEU A 21 -9.75 -35.05 -1.46
C LEU A 21 -9.04 -35.54 -0.20
N ASP A 22 -9.39 -36.73 0.24
CA ASP A 22 -8.55 -37.46 1.18
C ASP A 22 -8.30 -36.71 2.50
N GLN A 23 -9.35 -36.14 3.08
CA GLN A 23 -9.19 -35.47 4.34
C GLN A 23 -9.67 -36.31 5.52
N GLY A 24 -9.39 -37.60 5.48
CA GLY A 24 -9.79 -38.51 6.56
C GLY A 24 -9.20 -38.19 7.92
N HIS A 25 -7.95 -37.71 7.90
CA HIS A 25 -7.19 -37.40 9.11
C HIS A 25 -7.82 -36.31 9.97
N LEU A 26 -8.96 -35.81 9.51
CA LEU A 26 -9.67 -34.74 10.21
C LEU A 26 -10.74 -35.36 11.07
N PHE A 27 -11.13 -36.59 10.76
CA PHE A 27 -12.22 -37.22 11.49
C PHE A 27 -11.78 -38.49 12.21
N GLU A 28 -10.48 -38.60 12.49
CA GLU A 28 -9.99 -39.74 13.24
C GLU A 28 -10.71 -39.79 14.58
N GLY A 29 -11.25 -40.95 14.90
CA GLY A 29 -11.88 -41.19 16.19
C GLY A 29 -13.29 -40.66 16.35
N TRP A 30 -13.89 -40.21 15.25
CA TRP A 30 -15.22 -39.60 15.29
C TRP A 30 -16.36 -40.63 15.19
N PRO A 31 -17.54 -40.28 15.73
CA PRO A 31 -18.77 -41.08 15.63
C PRO A 31 -19.22 -41.19 14.18
N GLU A 32 -20.01 -42.21 13.87
CA GLU A 32 -20.44 -42.47 12.49
C GLU A 32 -21.25 -41.33 11.87
N THR A 33 -22.11 -40.69 12.65
CA THR A 33 -22.95 -39.62 12.13
C THR A 33 -22.95 -38.36 13.00
N VAL A 34 -23.47 -37.29 12.44
CA VAL A 34 -23.40 -35.95 13.02
C VAL A 34 -23.93 -35.82 14.44
N ASP A 35 -25.13 -36.33 14.67
CA ASP A 35 -25.79 -36.19 15.97
C ASP A 35 -24.89 -36.76 17.06
N GLU A 36 -24.25 -37.89 16.76
CA GLU A 36 -23.36 -38.55 17.69
C GLU A 36 -22.11 -37.71 17.96
N CYS A 37 -21.93 -36.67 17.17
CA CYS A 37 -20.77 -35.79 17.33
C CYS A 37 -21.08 -34.75 18.37
N ASN A 38 -20.02 -34.20 18.96
CA ASN A 38 -20.15 -33.19 19.99
C ASN A 38 -20.02 -31.79 19.40
N GLU A 39 -20.12 -30.78 20.26
CA GLU A 39 -20.03 -29.40 19.80
C GLU A 39 -18.70 -29.10 19.13
N ARG A 40 -17.61 -29.65 19.67
CA ARG A 40 -16.27 -29.34 19.18
C ARG A 40 -16.06 -29.87 17.76
N GLN A 41 -16.62 -31.04 17.49
CA GLN A 41 -16.51 -31.69 16.20
C GLN A 41 -17.53 -31.12 15.23
N ILE A 42 -18.77 -31.02 15.68
CA ILE A 42 -19.83 -30.45 14.87
C ILE A 42 -19.45 -29.02 14.43
N ALA A 43 -18.57 -28.40 15.20
CA ALA A 43 -18.12 -27.05 14.89
C ALA A 43 -17.03 -27.05 13.83
N LEU A 44 -16.27 -28.15 13.76
CA LEU A 44 -15.22 -28.24 12.75
C LEU A 44 -15.83 -28.50 11.38
N LEU A 45 -16.82 -29.38 11.34
CA LEU A 45 -17.57 -29.61 10.13
C LEU A 45 -18.21 -28.33 9.63
N THR A 46 -18.74 -27.54 10.57
CA THR A 46 -19.45 -26.33 10.22
C THR A 46 -18.50 -25.31 9.57
N ASP A 47 -17.36 -25.13 10.19
CA ASP A 47 -16.30 -24.31 9.64
C ASP A 47 -15.96 -24.73 8.19
N LEU A 48 -15.83 -26.05 7.97
CA LEU A 48 -15.54 -26.57 6.64
C LEU A 48 -16.68 -26.21 5.68
N TYR A 49 -17.90 -26.37 6.17
CA TYR A 49 -19.06 -26.16 5.33
C TYR A 49 -19.21 -24.69 4.95
N MET A 50 -19.17 -23.82 5.96
CA MET A 50 -19.41 -22.41 5.74
C MET A 50 -18.38 -21.79 4.80
N PHE A 51 -17.23 -22.45 4.66
CA PHE A 51 -16.19 -21.97 3.77
C PHE A 51 -16.71 -21.66 2.36
N SER A 52 -17.75 -22.39 1.94
CA SER A 52 -18.38 -22.22 0.64
C SER A 52 -18.77 -20.78 0.32
N ASN A 53 -19.19 -20.00 1.32
CA ASN A 53 -19.59 -18.63 1.04
C ASN A 53 -18.46 -17.59 1.17
N MET A 54 -17.24 -18.09 1.38
CA MET A 54 -16.02 -17.30 1.41
C MET A 54 -15.20 -17.59 0.16
N TYR A 55 -15.39 -18.79 -0.39
CA TYR A 55 -14.52 -19.27 -1.46
C TYR A 55 -15.32 -20.04 -2.53
N PRO A 56 -15.07 -19.73 -3.81
CA PRO A 56 -15.88 -20.37 -4.86
C PRO A 56 -15.67 -21.91 -4.89
N GLY A 57 -16.75 -22.63 -4.63
CA GLY A 57 -16.76 -24.08 -4.65
C GLY A 57 -16.38 -24.62 -3.30
N GLY A 58 -16.26 -23.75 -2.31
CA GLY A 58 -15.91 -24.17 -0.96
C GLY A 58 -14.64 -24.98 -0.84
N VAL A 59 -14.56 -25.71 0.26
CA VAL A 59 -13.34 -26.35 0.72
C VAL A 59 -12.91 -27.45 -0.24
N ALA A 60 -13.88 -28.12 -0.87
CA ALA A 60 -13.60 -29.13 -1.89
C ALA A 60 -12.90 -28.49 -3.11
N GLN A 61 -13.40 -27.33 -3.57
CA GLN A 61 -12.74 -26.73 -4.72
C GLN A 61 -11.36 -26.21 -4.34
N TYR A 62 -11.26 -25.72 -3.11
CA TYR A 62 -10.01 -25.20 -2.57
C TYR A 62 -8.92 -26.26 -2.60
N ILE A 63 -9.26 -27.46 -2.14
CA ILE A 63 -8.34 -28.60 -2.17
C ILE A 63 -7.90 -28.96 -3.57
N ARG A 64 -8.86 -29.04 -4.48
CA ARG A 64 -8.53 -29.34 -5.86
C ARG A 64 -7.64 -28.28 -6.47
N ASN A 65 -7.89 -27.02 -6.12
CA ASN A 65 -7.07 -25.91 -6.63
C ASN A 65 -5.67 -26.04 -6.09
N GLY A 66 -5.57 -26.44 -4.83
CA GLY A 66 -4.29 -26.75 -4.21
C GLY A 66 -3.50 -27.84 -4.91
N HIS A 67 -4.16 -28.97 -5.21
CA HIS A 67 -3.50 -30.03 -5.96
C HIS A 67 -2.94 -29.44 -7.23
N GLU A 68 -3.79 -28.76 -8.00
CA GLU A 68 -3.37 -28.22 -9.28
C GLU A 68 -2.21 -27.22 -9.16
N LEU A 69 -2.25 -26.38 -8.13
CA LEU A 69 -1.19 -25.41 -7.93
C LEU A 69 0.08 -26.07 -7.41
N LEU A 70 -0.04 -27.02 -6.48
CA LEU A 70 1.14 -27.73 -5.98
C LEU A 70 1.86 -28.47 -7.10
N ALA A 71 1.11 -29.03 -8.05
CA ALA A 71 1.69 -29.60 -9.26
C ALA A 71 2.34 -28.51 -10.12
N ARG A 72 1.61 -27.44 -10.37
CA ARG A 72 2.05 -26.36 -11.22
C ARG A 72 3.37 -25.81 -10.70
N GLU A 73 3.46 -25.61 -9.38
CA GLU A 73 4.64 -24.96 -8.80
C GLU A 73 5.83 -25.89 -8.48
N SER A 74 5.72 -27.17 -8.86
CA SER A 74 6.88 -28.05 -8.79
C SER A 74 7.69 -27.94 -10.09
N GLU A 75 7.08 -27.32 -11.09
CA GLU A 75 7.69 -27.19 -12.41
C GLU A 75 8.37 -25.84 -12.56
N GLU A 76 8.77 -25.51 -13.79
CA GLU A 76 9.35 -24.22 -14.11
C GLU A 76 8.31 -23.31 -14.76
N VAL A 77 7.88 -22.27 -14.04
CA VAL A 77 7.02 -21.27 -14.65
C VAL A 77 7.78 -20.66 -15.81
N ASP A 78 7.36 -20.99 -17.03
CA ASP A 78 8.05 -20.47 -18.19
C ASP A 78 7.06 -19.93 -19.18
N PHE A 79 7.31 -18.73 -19.65
CA PHE A 79 6.52 -18.15 -20.71
C PHE A 79 7.17 -18.53 -22.05
N ALA A 80 6.36 -18.53 -23.11
CA ALA A 80 6.88 -18.71 -24.46
C ALA A 80 7.50 -17.40 -24.98
N ALA A 81 6.99 -16.27 -24.50
CA ALA A 81 7.50 -14.97 -24.94
C ALA A 81 7.46 -13.89 -23.86
N LEU A 82 8.54 -13.12 -23.79
CA LEU A 82 8.70 -12.07 -22.80
C LEU A 82 9.35 -10.84 -23.43
N GLU A 83 8.83 -9.66 -23.13
CA GLU A 83 9.29 -8.49 -23.86
C GLU A 83 8.80 -7.20 -23.25
N MET A 84 9.44 -6.10 -23.61
CA MET A 84 9.03 -4.79 -23.14
C MET A 84 7.54 -4.55 -23.38
N PRO A 85 6.82 -4.10 -22.34
CA PRO A 85 5.43 -3.75 -22.59
C PRO A 85 5.42 -2.66 -23.62
N PRO A 86 4.44 -2.69 -24.52
CA PRO A 86 4.34 -1.67 -25.56
C PRO A 86 4.08 -0.27 -24.96
N LEU A 87 3.06 -0.14 -24.10
CA LEU A 87 2.63 1.19 -23.67
C LEU A 87 3.30 1.62 -22.36
N ILE A 88 4.48 2.23 -22.47
CA ILE A 88 5.20 2.71 -21.32
C ILE A 88 5.36 4.19 -21.47
N PHE A 89 5.13 4.95 -20.40
CA PHE A 89 5.25 6.38 -20.49
C PHE A 89 6.08 6.95 -19.36
N GLU A 90 6.97 7.86 -19.74
CA GLU A 90 7.86 8.53 -18.83
C GLU A 90 7.14 9.72 -18.24
N ALA A 91 7.03 9.78 -16.92
CA ALA A 91 6.50 10.96 -16.26
C ALA A 91 7.61 11.99 -16.14
N PRO A 92 7.26 13.27 -16.26
CA PRO A 92 8.23 14.34 -16.03
C PRO A 92 8.55 14.44 -14.55
N SER A 93 9.68 15.05 -14.21
CA SER A 93 10.11 15.18 -12.83
C SER A 93 9.07 15.86 -11.93
N LEU A 94 8.97 15.35 -10.70
CA LEU A 94 8.14 15.98 -9.69
C LEU A 94 8.78 17.28 -9.15
N HIS A 95 10.02 17.57 -9.51
CA HIS A 95 10.69 18.75 -8.93
C HIS A 95 11.06 19.89 -9.92
N ARG A 96 10.46 19.87 -11.09
CA ARG A 96 10.67 20.93 -12.07
C ARG A 96 9.31 21.39 -12.57
N ARG A 97 9.00 22.67 -12.40
CA ARG A 97 7.69 23.16 -12.79
C ARG A 97 7.68 23.51 -14.29
N THR A 98 7.67 22.48 -15.14
CA THR A 98 7.63 22.66 -16.58
C THR A 98 6.19 22.83 -17.07
N ALA A 99 6.01 23.25 -18.32
CA ALA A 99 4.67 23.36 -18.86
C ALA A 99 3.98 22.00 -18.86
N GLU A 100 4.73 20.94 -19.13
CA GLU A 100 4.12 19.61 -19.17
C GLU A 100 3.64 19.20 -17.78
N ARG A 101 4.50 19.38 -16.78
CA ARG A 101 4.21 18.94 -15.43
C ARG A 101 2.95 19.66 -14.92
N THR A 102 2.91 20.98 -15.15
CA THR A 102 1.75 21.81 -14.82
C THR A 102 0.49 21.27 -15.52
N ALA A 103 0.63 20.98 -16.79
CA ALA A 103 -0.52 20.50 -17.56
C ALA A 103 -0.98 19.15 -17.01
N LEU A 104 -0.03 18.29 -16.69
CA LEU A 104 -0.41 16.98 -16.17
C LEU A 104 -1.00 17.08 -14.74
N GLU A 105 -0.37 17.85 -13.86
CA GLU A 105 -0.97 18.04 -12.53
C GLU A 105 -2.36 18.64 -12.61
N ASN A 106 -2.60 19.60 -13.51
CA ASN A 106 -3.92 20.24 -13.56
C ASN A 106 -5.00 19.30 -14.04
N ALA A 107 -4.71 18.61 -15.13
CA ALA A 107 -5.65 17.62 -15.64
C ALA A 107 -5.87 16.45 -14.64
N GLY A 108 -4.82 16.02 -13.95
CA GLY A 108 -4.93 14.87 -13.06
C GLY A 108 -5.68 15.29 -11.82
N THR A 109 -5.39 16.50 -11.34
CA THR A 109 -6.08 17.02 -10.16
C THR A 109 -7.61 17.17 -10.40
N ALA A 110 -8.01 17.62 -11.59
CA ALA A 110 -9.43 17.65 -11.94
C ALA A 110 -9.99 16.21 -11.97
N MET A 111 -9.23 15.29 -12.54
CA MET A 111 -9.71 13.89 -12.55
C MET A 111 -9.88 13.30 -11.15
N LEU A 112 -9.14 13.83 -10.17
CA LEU A 112 -9.25 13.34 -8.80
C LEU A 112 -10.66 13.48 -8.22
N CYS A 113 -11.43 14.45 -8.73
CA CYS A 113 -12.81 14.66 -8.34
C CYS A 113 -13.70 13.49 -8.71
N LYS A 114 -13.25 12.66 -9.64
CA LYS A 114 -14.08 11.55 -10.10
C LYS A 114 -13.35 10.19 -9.93
N THR A 115 -12.61 10.08 -8.83
CA THR A 115 -11.81 8.89 -8.56
C THR A 115 -12.27 8.15 -7.29
N VAL A 116 -12.48 6.86 -7.41
CA VAL A 116 -12.69 6.03 -6.25
C VAL A 116 -11.30 5.64 -5.74
N PHE A 117 -11.06 5.74 -4.43
CA PHE A 117 -9.79 5.31 -3.84
C PHE A 117 -9.91 4.02 -3.01
N VAL A 118 -8.89 3.16 -3.16
CA VAL A 118 -8.87 1.87 -2.48
C VAL A 118 -7.54 1.65 -1.80
N LEU A 119 -7.59 1.49 -0.49
CA LEU A 119 -6.41 1.26 0.33
C LEU A 119 -6.39 -0.22 0.81
N VAL A 120 -5.38 -0.96 0.40
CA VAL A 120 -5.21 -2.30 0.95
C VAL A 120 -4.39 -2.31 2.23
N ALA A 121 -5.04 -2.68 3.33
CA ALA A 121 -4.44 -2.53 4.64
C ALA A 121 -4.78 -3.73 5.52
N GLY A 122 -4.62 -4.92 4.94
CA GLY A 122 -4.84 -6.18 5.65
C GLY A 122 -3.55 -6.86 6.10
N GLY A 123 -2.43 -6.44 5.50
CA GLY A 123 -1.15 -7.01 5.81
C GLY A 123 -0.63 -6.74 7.22
N LEU A 124 0.09 -7.75 7.72
CA LEU A 124 0.78 -7.71 9.02
C LEU A 124 2.03 -6.80 8.94
N GLY A 125 2.35 -6.15 10.07
CA GLY A 125 3.45 -5.19 10.16
C GLY A 125 4.59 -5.59 11.10
N GLU A 126 4.72 -6.89 11.34
CA GLU A 126 5.68 -7.43 12.33
C GLU A 126 7.10 -7.53 11.75
N ARG A 127 7.23 -8.12 10.55
CA ARG A 127 8.44 -8.02 9.73
C ARG A 127 9.20 -6.68 9.91
N LEU A 128 8.46 -5.63 10.26
CA LEU A 128 9.04 -4.34 10.62
C LEU A 128 9.44 -4.37 12.07
N GLY A 129 8.81 -5.23 12.85
CA GLY A 129 8.96 -5.22 14.29
C GLY A 129 8.14 -4.08 14.88
N TYR A 130 6.93 -3.91 14.31
CA TYR A 130 5.96 -2.95 14.82
C TYR A 130 4.71 -3.77 15.18
N SER A 131 4.33 -3.72 16.46
CA SER A 131 3.29 -4.59 16.92
C SER A 131 1.87 -4.03 16.69
N SER A 132 1.75 -2.86 16.08
CA SER A 132 0.44 -2.29 15.74
C SER A 132 0.26 -2.36 14.25
N ILE A 133 -0.87 -1.86 13.77
CA ILE A 133 -1.11 -1.86 12.35
C ILE A 133 -0.29 -0.83 11.61
N LYS A 134 0.09 -1.20 10.39
CA LYS A 134 0.96 -0.40 9.57
C LYS A 134 0.40 0.99 9.30
N VAL A 135 -0.92 1.07 9.10
CA VAL A 135 -1.50 2.38 8.80
C VAL A 135 -1.50 3.31 9.99
N SER A 136 -1.18 2.79 11.18
CA SER A 136 -1.06 3.65 12.35
C SER A 136 0.38 4.19 12.48
N LEU A 137 1.29 3.75 11.62
CA LEU A 137 2.66 4.30 11.60
C LEU A 137 2.53 5.77 11.22
N PRO A 138 3.40 6.61 11.77
CA PRO A 138 3.37 7.99 11.31
C PRO A 138 4.13 8.15 10.00
N VAL A 139 3.60 9.00 9.12
CA VAL A 139 4.31 9.36 7.92
C VAL A 139 5.60 10.13 8.30
N GLU A 140 5.55 10.93 9.36
CA GLU A 140 6.71 11.63 9.95
C GLU A 140 6.34 11.99 11.38
N THR A 141 7.33 12.20 12.23
CA THR A 141 7.09 12.38 13.66
C THR A 141 7.05 13.86 14.07
N ALA A 142 7.30 14.76 13.14
CA ALA A 142 7.08 16.18 13.36
C ALA A 142 5.63 16.46 13.77
N THR A 143 4.69 15.84 13.07
N THR A 143 4.68 15.87 13.04
CA THR A 143 3.25 16.04 13.30
CA THR A 143 3.23 16.03 13.29
C THR A 143 2.62 14.72 13.81
C THR A 143 2.60 14.71 13.79
N ASN A 144 3.33 13.60 13.59
CA ASN A 144 2.83 12.26 13.94
C ASN A 144 1.58 11.80 13.20
N THR A 145 1.23 12.46 12.09
CA THR A 145 0.12 12.11 11.20
C THR A 145 0.27 10.67 10.66
N THR A 146 -0.72 9.83 10.91
CA THR A 146 -0.66 8.40 10.56
C THR A 146 -0.87 8.26 9.06
N TYR A 147 -0.37 7.17 8.49
CA TYR A 147 -0.66 6.89 7.09
C TYR A 147 -2.19 6.92 6.83
N LEU A 148 -2.95 6.39 7.76
CA LEU A 148 -4.39 6.30 7.57
C LEU A 148 -4.99 7.72 7.38
N ALA A 149 -4.67 8.63 8.32
CA ALA A 149 -5.15 10.01 8.24
C ALA A 149 -4.64 10.69 7.00
N TYR A 150 -3.37 10.48 6.72
CA TYR A 150 -2.74 11.09 5.58
C TYR A 150 -3.46 10.76 4.26
N TYR A 151 -3.75 9.48 4.02
CA TYR A 151 -4.47 9.12 2.80
C TYR A 151 -5.88 9.70 2.79
N LEU A 152 -6.56 9.59 3.94
CA LEU A 152 -7.99 9.92 4.00
C LEU A 152 -8.20 11.43 3.87
N ARG A 153 -7.37 12.22 4.57
CA ARG A 153 -7.52 13.67 4.47
C ARG A 153 -7.19 14.15 3.07
N TRP A 154 -6.24 13.47 2.42
CA TRP A 154 -5.89 13.88 1.07
C TRP A 154 -7.05 13.59 0.10
N ALA A 155 -7.60 12.39 0.20
CA ALA A 155 -8.73 12.00 -0.63
C ALA A 155 -9.94 12.90 -0.37
N GLN A 156 -10.18 13.29 0.89
CA GLN A 156 -11.34 14.17 1.12
C GLN A 156 -11.10 15.58 0.59
N ARG A 157 -9.84 15.99 0.60
CA ARG A 157 -9.46 17.27 0.06
C ARG A 157 -9.60 17.29 -1.46
N VAL A 158 -9.07 16.28 -2.17
CA VAL A 158 -9.13 16.28 -3.63
C VAL A 158 -10.47 15.77 -4.23
N GLY A 159 -11.23 14.98 -3.46
CA GLY A 159 -12.52 14.45 -3.92
C GLY A 159 -13.74 14.92 -3.10
N GLY A 160 -13.51 15.86 -2.17
CA GLY A 160 -14.58 16.38 -1.31
C GLY A 160 -14.90 15.44 -0.14
N LYS A 161 -15.61 15.95 0.84
CA LYS A 161 -15.94 15.16 2.01
C LYS A 161 -16.52 13.77 1.68
N GLU A 162 -17.35 13.70 0.64
CA GLU A 162 -18.09 12.48 0.29
C GLU A 162 -17.31 11.56 -0.64
N VAL A 163 -16.00 11.75 -0.69
CA VAL A 163 -15.21 10.90 -1.57
C VAL A 163 -15.41 9.39 -1.29
N PRO A 164 -15.59 8.59 -2.35
CA PRO A 164 -15.76 7.13 -2.15
C PRO A 164 -14.40 6.51 -1.82
N PHE A 165 -14.31 5.77 -0.73
CA PHE A 165 -13.01 5.26 -0.28
C PHE A 165 -13.26 3.88 0.27
N VAL A 166 -12.42 2.95 -0.13
CA VAL A 166 -12.51 1.59 0.39
C VAL A 166 -11.22 1.28 1.16
N ILE A 167 -11.37 0.68 2.33
CA ILE A 167 -10.21 0.11 2.99
C ILE A 167 -10.39 -1.39 3.17
N MET A 168 -9.46 -2.18 2.65
CA MET A 168 -9.46 -3.61 2.93
C MET A 168 -8.63 -3.88 4.18
N THR A 169 -9.27 -4.56 5.12
CA THR A 169 -8.64 -4.95 6.36
C THR A 169 -8.68 -6.48 6.38
N SER A 170 -8.08 -7.06 7.42
CA SER A 170 -8.14 -8.51 7.66
C SER A 170 -8.38 -8.70 9.14
N ASP A 171 -8.54 -9.95 9.55
CA ASP A 171 -8.68 -10.31 10.94
C ASP A 171 -7.61 -9.62 11.79
N ASP A 172 -6.37 -9.65 11.33
CA ASP A 172 -5.26 -8.95 12.00
C ASP A 172 -5.52 -7.43 12.24
N THR A 173 -5.89 -6.71 11.19
CA THR A 173 -5.89 -5.24 11.29
C THR A 173 -7.25 -4.57 11.51
N HIS A 174 -8.31 -5.36 11.44
CA HIS A 174 -9.65 -4.80 11.30
C HIS A 174 -10.17 -3.98 12.49
N ASP A 175 -10.24 -4.58 13.67
CA ASP A 175 -10.68 -3.88 14.85
C ASP A 175 -9.81 -2.65 15.14
N ARG A 176 -8.49 -2.81 15.03
CA ARG A 176 -7.59 -1.71 15.29
C ARG A 176 -7.75 -0.61 14.24
N THR A 177 -8.20 -0.97 13.04
CA THR A 177 -8.50 0.04 12.04
C THR A 177 -9.73 0.87 12.41
N LEU A 178 -10.82 0.22 12.82
CA LEU A 178 -12.00 0.91 13.27
C LEU A 178 -11.65 1.80 14.50
N GLN A 179 -10.80 1.30 15.39
CA GLN A 179 -10.45 2.07 16.59
C GLN A 179 -9.70 3.35 16.18
N LEU A 180 -8.76 3.22 15.25
CA LEU A 180 -8.00 4.38 14.80
C LEU A 180 -8.90 5.40 14.07
N LEU A 181 -9.79 4.94 13.19
CA LEU A 181 -10.78 5.87 12.57
C LEU A 181 -11.47 6.66 13.65
N ARG A 182 -11.94 5.94 14.66
CA ARG A 182 -12.70 6.56 15.74
C ARG A 182 -11.82 7.56 16.54
N GLU A 183 -10.62 7.14 16.93
CA GLU A 183 -9.74 8.03 17.71
C GLU A 183 -9.27 9.25 16.94
N LEU A 184 -9.11 9.14 15.63
CA LEU A 184 -8.70 10.29 14.85
C LEU A 184 -9.88 11.21 14.54
N GLN A 185 -11.08 10.81 14.96
CA GLN A 185 -12.27 11.60 14.65
C GLN A 185 -12.41 11.86 13.16
N LEU A 186 -11.89 10.95 12.36
CA LEU A 186 -12.12 10.92 10.92
C LEU A 186 -13.62 10.64 10.58
N GLU A 187 -14.23 11.53 9.79
CA GLU A 187 -15.61 11.37 9.37
C GLU A 187 -15.71 11.31 7.86
N VAL A 188 -15.86 10.10 7.35
CA VAL A 188 -15.75 9.79 5.93
C VAL A 188 -17.04 9.06 5.56
N PRO A 189 -18.06 9.82 5.13
CA PRO A 189 -19.41 9.27 4.92
C PRO A 189 -19.46 8.11 3.92
N ASN A 190 -18.65 8.15 2.86
CA ASN A 190 -18.64 7.07 1.86
C ASN A 190 -17.42 6.16 1.99
N LEU A 191 -16.93 5.96 3.21
CA LEU A 191 -15.90 4.96 3.43
C LEU A 191 -16.56 3.60 3.58
N HIS A 192 -16.00 2.60 2.89
CA HIS A 192 -16.35 1.19 3.14
C HIS A 192 -15.13 0.40 3.56
N VAL A 193 -15.23 -0.20 4.73
CA VAL A 193 -14.20 -1.03 5.29
C VAL A 193 -14.60 -2.48 5.01
N LEU A 194 -13.81 -3.14 4.18
CA LEU A 194 -14.14 -4.50 3.71
C LEU A 194 -13.10 -5.51 4.25
N LYS A 195 -13.55 -6.48 5.03
CA LYS A 195 -12.61 -7.34 5.72
C LYS A 195 -12.39 -8.63 4.93
N GLN A 196 -11.13 -8.93 4.62
CA GLN A 196 -10.83 -10.15 3.90
C GLN A 196 -10.86 -11.39 4.83
N GLY A 197 -11.31 -12.51 4.29
CA GLY A 197 -11.41 -13.72 5.08
C GLY A 197 -10.18 -14.59 4.93
N GLN A 198 -9.90 -15.40 5.91
CA GLN A 198 -8.70 -16.20 5.83
C GLN A 198 -9.00 -17.53 5.19
N VAL A 199 -8.01 -18.10 4.53
CA VAL A 199 -8.24 -19.38 3.89
C VAL A 199 -7.52 -20.50 4.59
N PHE A 200 -7.90 -21.73 4.27
CA PHE A 200 -7.33 -22.91 4.94
C PHE A 200 -5.88 -23.11 4.51
N CYS A 201 -5.15 -23.91 5.28
CA CYS A 201 -3.75 -24.19 5.00
C CYS A 201 -3.50 -25.66 4.76
N PHE A 202 -2.41 -25.94 4.03
CA PHE A 202 -2.04 -27.27 3.62
C PHE A 202 -0.79 -27.72 4.43
N ALA A 203 -0.94 -28.81 5.18
CA ALA A 203 0.16 -29.35 5.98
C ALA A 203 1.18 -29.98 5.08
N ASP A 204 0.78 -30.38 3.88
CA ASP A 204 1.72 -31.09 3.05
C ASP A 204 1.52 -30.96 1.56
N SER A 205 2.42 -31.58 0.81
CA SER A 205 2.40 -31.55 -0.63
C SER A 205 1.18 -32.25 -1.29
N ALA A 206 0.43 -33.04 -0.52
CA ALA A 206 -0.77 -33.73 -1.01
C ALA A 206 -2.04 -32.92 -0.67
N ALA A 207 -1.83 -31.73 -0.11
CA ALA A 207 -2.88 -30.80 0.18
C ALA A 207 -3.82 -31.31 1.30
N HIS A 208 -3.23 -31.93 2.32
CA HIS A 208 -4.00 -32.29 3.49
C HIS A 208 -4.13 -31.01 4.33
N LEU A 209 -5.32 -30.74 4.86
CA LEU A 209 -5.50 -29.50 5.61
C LEU A 209 -4.77 -29.53 6.95
N ALA A 210 -4.23 -28.39 7.37
CA ALA A 210 -3.49 -28.29 8.61
C ALA A 210 -4.40 -27.90 9.78
N LEU A 211 -4.04 -28.36 10.97
CA LEU A 211 -4.74 -27.95 12.18
C LEU A 211 -3.79 -27.21 13.11
N ASP A 212 -4.33 -26.25 13.89
CA ASP A 212 -3.51 -25.55 14.90
C ASP A 212 -3.46 -26.31 16.22
N GLU A 213 -2.98 -25.65 17.27
CA GLU A 213 -2.82 -26.29 18.57
C GLU A 213 -4.14 -26.76 19.17
N THR A 214 -5.15 -25.91 19.16
CA THR A 214 -6.46 -26.26 19.72
C THR A 214 -7.19 -27.31 18.87
N GLY A 215 -6.55 -27.73 17.79
CA GLY A 215 -7.14 -28.69 16.89
C GLY A 215 -8.20 -28.05 16.01
N LYS A 216 -7.96 -26.83 15.58
CA LYS A 216 -8.90 -26.13 14.70
C LYS A 216 -8.26 -25.92 13.33
N LEU A 217 -9.07 -25.93 12.28
CA LEU A 217 -8.54 -25.70 10.94
C LEU A 217 -7.69 -24.43 10.99
N LEU A 218 -6.45 -24.57 10.54
CA LEU A 218 -5.48 -23.48 10.57
C LEU A 218 -5.74 -22.49 9.45
N ARG A 219 -5.59 -21.21 9.73
CA ARG A 219 -5.97 -20.19 8.76
C ARG A 219 -4.86 -19.19 8.49
N LYS A 220 -4.68 -18.90 7.21
CA LYS A 220 -3.80 -17.84 6.80
C LYS A 220 -4.48 -16.96 5.74
N PRO A 221 -3.88 -15.80 5.47
CA PRO A 221 -4.44 -14.79 4.55
C PRO A 221 -4.33 -15.21 3.11
N HIS A 222 -5.29 -14.80 2.30
CA HIS A 222 -5.34 -15.27 0.91
C HIS A 222 -4.63 -14.30 -0.03
N GLY A 223 -4.19 -13.16 0.49
CA GLY A 223 -3.44 -12.20 -0.30
C GLY A 223 -4.27 -10.97 -0.61
N HIS A 224 -3.63 -9.92 -1.13
CA HIS A 224 -4.27 -8.64 -1.40
C HIS A 224 -5.15 -8.79 -2.64
N GLY A 225 -4.92 -9.85 -3.41
CA GLY A 225 -5.87 -10.29 -4.43
C GLY A 225 -7.36 -10.24 -4.03
N ASP A 226 -7.66 -10.59 -2.79
CA ASP A 226 -9.05 -10.54 -2.28
C ASP A 226 -9.81 -9.23 -2.50
N VAL A 227 -9.10 -8.14 -2.82
CA VAL A 227 -9.74 -6.83 -2.80
C VAL A 227 -10.80 -6.76 -3.91
N HIS A 228 -10.53 -7.49 -4.99
CA HIS A 228 -11.42 -7.38 -6.14
C HIS A 228 -12.74 -8.03 -5.87
N SER A 229 -12.71 -9.21 -5.26
CA SER A 229 -13.94 -9.95 -4.99
C SER A 229 -14.72 -9.26 -3.88
N LEU A 230 -14.02 -8.76 -2.87
CA LEU A 230 -14.66 -8.00 -1.80
C LEU A 230 -15.43 -6.80 -2.37
N ILE A 231 -14.79 -6.07 -3.30
CA ILE A 231 -15.51 -5.01 -3.99
C ILE A 231 -16.67 -5.59 -4.80
N TYR A 232 -16.41 -6.67 -5.56
CA TYR A 232 -17.48 -7.23 -6.40
C TYR A 232 -18.74 -7.50 -5.59
N ASN A 233 -18.58 -7.92 -4.34
CA ASN A 233 -19.70 -8.44 -3.56
C ASN A 233 -20.34 -7.41 -2.64
N ALA A 234 -19.69 -6.27 -2.48
CA ALA A 234 -20.18 -5.27 -1.55
C ALA A 234 -21.34 -4.43 -2.10
N THR A 235 -22.26 -4.06 -1.22
CA THR A 235 -23.47 -3.36 -1.60
C THR A 235 -23.62 -2.09 -0.78
N VAL A 236 -24.57 -1.23 -1.16
CA VAL A 236 -24.63 0.06 -0.51
C VAL A 236 -25.89 0.25 0.34
N ALA A 251 -29.93 -2.66 -2.09
CA ALA A 251 -29.68 -3.97 -2.68
C ALA A 251 -28.70 -3.82 -3.83
N GLN A 252 -28.20 -2.59 -4.01
CA GLN A 252 -27.39 -2.21 -5.16
C GLN A 252 -25.89 -2.42 -4.99
N PRO A 253 -25.19 -2.96 -6.02
CA PRO A 253 -23.75 -3.16 -5.89
C PRO A 253 -23.01 -1.84 -5.72
N LEU A 254 -21.98 -1.86 -4.88
CA LEU A 254 -21.15 -0.71 -4.62
C LEU A 254 -20.73 -0.07 -5.94
N VAL A 255 -20.10 -0.85 -6.82
CA VAL A 255 -19.58 -0.29 -8.07
C VAL A 255 -20.64 0.37 -8.94
N ASN A 256 -21.86 -0.18 -8.94
CA ASN A 256 -22.95 0.42 -9.70
C ASN A 256 -23.17 1.80 -9.13
N ASP A 257 -23.14 1.84 -7.81
CA ASP A 257 -23.34 3.09 -7.14
C ASP A 257 -22.30 4.14 -7.56
N TRP A 258 -21.05 3.72 -7.72
CA TRP A 258 -19.99 4.65 -8.18
C TRP A 258 -20.23 5.12 -9.64
N LEU A 259 -20.52 4.18 -10.52
CA LEU A 259 -20.75 4.51 -11.92
C LEU A 259 -21.89 5.50 -12.05
N ALA A 260 -22.95 5.23 -11.29
CA ALA A 260 -24.16 6.04 -11.41
C ALA A 260 -23.94 7.47 -10.89
N ALA A 261 -22.92 7.64 -10.06
CA ALA A 261 -22.64 8.96 -9.52
C ALA A 261 -21.62 9.73 -10.36
N GLY A 262 -21.20 9.14 -11.47
CA GLY A 262 -20.29 9.82 -12.37
C GLY A 262 -18.82 9.48 -12.23
N TYR A 263 -18.49 8.56 -11.33
CA TYR A 263 -17.08 8.24 -11.12
C TYR A 263 -16.48 7.57 -12.33
N GLU A 264 -15.25 7.94 -12.61
CA GLU A 264 -14.60 7.57 -13.85
C GLU A 264 -13.29 6.83 -13.68
N SER A 265 -12.70 6.93 -12.48
CA SER A 265 -11.46 6.22 -12.20
C SER A 265 -11.44 5.54 -10.85
N ILE A 266 -10.64 4.47 -10.76
CA ILE A 266 -10.43 3.79 -9.50
C ILE A 266 -8.94 3.55 -9.29
N VAL A 267 -8.45 3.88 -8.10
N VAL A 267 -8.48 3.87 -8.08
CA VAL A 267 -7.03 3.73 -7.84
CA VAL A 267 -7.06 3.82 -7.74
C VAL A 267 -6.82 2.97 -6.53
C VAL A 267 -6.84 2.96 -6.51
N PHE A 268 -5.85 2.07 -6.57
CA PHE A 268 -5.51 1.18 -5.45
C PHE A 268 -4.13 1.55 -4.93
N ILE A 269 -4.01 1.71 -3.62
CA ILE A 269 -2.73 2.03 -3.04
C ILE A 269 -2.37 1.07 -1.92
N GLN A 270 -1.08 0.98 -1.65
CA GLN A 270 -0.64 0.14 -0.55
C GLN A 270 -0.44 0.97 0.74
N ASP A 271 -0.16 0.29 1.84
CA ASP A 271 -0.37 0.91 3.13
C ASP A 271 0.71 1.91 3.65
N THR A 272 1.92 1.96 3.08
CA THR A 272 2.89 2.90 3.66
C THR A 272 3.80 3.57 2.65
N ASN A 273 3.26 3.87 1.48
CA ASN A 273 3.99 4.65 0.50
C ASN A 273 3.37 6.06 0.35
N ALA A 274 3.89 7.06 1.07
CA ALA A 274 3.35 8.42 0.98
C ALA A 274 3.46 9.01 -0.42
N GLY A 275 4.38 8.48 -1.24
CA GLY A 275 4.57 8.98 -2.60
C GLY A 275 3.31 8.91 -3.47
N ALA A 276 2.35 8.06 -3.10
CA ALA A 276 1.18 7.89 -3.95
C ALA A 276 0.41 9.22 -4.21
N THR A 277 0.46 10.16 -3.27
CA THR A 277 -0.32 11.37 -3.43
C THR A 277 0.30 12.27 -4.45
N ILE A 278 1.55 12.00 -4.80
CA ILE A 278 2.24 12.74 -5.85
C ILE A 278 2.15 12.05 -7.20
N THR A 279 2.19 10.71 -7.22
CA THR A 279 2.20 10.00 -8.50
C THR A 279 0.81 9.90 -9.13
N ILE A 280 -0.22 9.78 -8.28
CA ILE A 280 -1.57 9.49 -8.75
C ILE A 280 -2.10 10.51 -9.79
N PRO A 281 -2.05 11.82 -9.49
CA PRO A 281 -2.55 12.82 -10.46
C PRO A 281 -1.91 12.68 -11.83
N ILE A 282 -0.60 12.46 -11.83
CA ILE A 282 0.09 12.30 -13.09
C ILE A 282 -0.38 11.06 -13.82
N SER A 283 -0.52 9.95 -13.09
CA SER A 283 -0.99 8.71 -13.69
C SER A 283 -2.37 8.88 -14.30
N LEU A 284 -3.28 9.53 -13.57
CA LEU A 284 -4.64 9.77 -14.10
C LEU A 284 -4.61 10.52 -15.42
N ALA A 285 -3.78 11.55 -15.46
CA ALA A 285 -3.72 12.40 -16.62
C ALA A 285 -3.15 11.62 -17.80
N LEU A 286 -2.15 10.78 -17.55
CA LEU A 286 -1.58 9.97 -18.63
C LEU A 286 -2.48 8.81 -19.02
N SER A 287 -3.29 8.33 -18.09
CA SER A 287 -4.23 7.28 -18.45
C SER A 287 -5.20 7.90 -19.45
N ALA A 288 -5.54 9.16 -19.24
CA ALA A 288 -6.47 9.87 -20.12
C ALA A 288 -5.81 10.26 -21.45
N GLU A 289 -4.64 10.87 -21.39
CA GLU A 289 -3.94 11.26 -22.59
C GLU A 289 -3.69 10.04 -23.49
N HIS A 290 -3.41 8.88 -22.88
CA HIS A 290 -3.05 7.71 -23.66
C HIS A 290 -4.10 6.59 -23.60
N SER A 291 -5.33 6.93 -23.21
CA SER A 291 -6.42 5.95 -23.26
C SER A 291 -6.08 4.60 -22.61
N LEU A 292 -5.59 4.65 -21.37
CA LEU A 292 -5.24 3.45 -20.62
C LEU A 292 -6.37 2.98 -19.71
N ASP A 293 -6.73 1.70 -19.87
CA ASP A 293 -7.72 1.05 -19.02
C ASP A 293 -7.07 0.65 -17.72
N MET A 294 -5.81 0.25 -17.80
CA MET A 294 -5.04 -0.08 -16.62
C MET A 294 -3.66 0.52 -16.75
N ASN A 295 -3.24 1.21 -15.69
CA ASN A 295 -2.00 1.94 -15.67
C ASN A 295 -1.22 1.55 -14.42
N PHE A 296 -0.14 0.78 -14.58
CA PHE A 296 0.76 0.44 -13.47
C PHE A 296 1.70 1.59 -13.11
N THR A 297 1.77 1.94 -11.83
CA THR A 297 2.78 2.91 -11.38
C THR A 297 4.17 2.27 -11.28
N CYS A 298 5.13 2.80 -12.00
CA CYS A 298 6.49 2.23 -12.02
C CYS A 298 7.64 3.17 -11.66
N ILE A 299 8.80 2.57 -11.39
CA ILE A 299 10.05 3.28 -11.19
C ILE A 299 11.14 2.49 -11.90
N PRO A 300 12.24 3.14 -12.27
CA PRO A 300 13.32 2.37 -12.87
C PRO A 300 13.88 1.40 -11.84
N ARG A 301 14.03 0.18 -12.29
CA ARG A 301 14.38 -0.92 -11.38
C ARG A 301 15.87 -1.21 -11.36
N VAL A 302 16.38 -1.52 -10.18
CA VAL A 302 17.78 -1.95 -10.01
C VAL A 302 17.85 -3.49 -9.94
N PRO A 303 18.70 -4.09 -10.78
CA PRO A 303 18.75 -5.55 -11.02
C PRO A 303 18.57 -6.46 -9.79
N LYS A 304 18.90 -5.96 -8.60
CA LYS A 304 18.87 -6.80 -7.40
C LYS A 304 17.55 -6.70 -6.64
N GLU A 305 16.89 -5.55 -6.78
CA GLU A 305 15.69 -5.20 -6.01
C GLU A 305 14.64 -6.30 -5.86
N PRO A 306 14.05 -6.41 -4.66
CA PRO A 306 12.88 -7.24 -4.39
C PRO A 306 11.61 -6.56 -4.89
N ILE A 307 11.53 -6.36 -6.20
CA ILE A 307 10.41 -5.65 -6.81
C ILE A 307 10.03 -6.31 -8.13
N GLY A 308 8.73 -6.42 -8.39
CA GLY A 308 8.26 -7.04 -9.61
C GLY A 308 8.51 -6.19 -10.85
N LEU A 309 8.61 -6.85 -12.01
CA LEU A 309 8.83 -6.17 -13.28
C LEU A 309 7.56 -6.18 -14.14
N LEU A 310 7.27 -5.04 -14.76
CA LEU A 310 6.18 -4.96 -15.75
C LEU A 310 6.64 -5.51 -17.10
N CYS A 311 6.00 -6.56 -17.57
CA CYS A 311 6.43 -7.26 -18.79
C CYS A 311 5.27 -7.53 -19.73
N ARG A 312 5.57 -7.67 -21.01
CA ARG A 312 4.61 -8.17 -21.98
C ARG A 312 4.81 -9.66 -22.06
N THR A 313 3.78 -10.43 -21.72
CA THR A 313 3.92 -11.90 -21.58
C THR A 313 3.22 -12.72 -22.66
N LYS A 314 3.64 -13.97 -22.77
CA LYS A 314 3.03 -14.92 -23.66
C LYS A 314 3.27 -16.26 -23.01
N LYS A 315 2.27 -16.76 -22.28
CA LYS A 315 2.41 -18.01 -21.55
C LYS A 315 2.83 -19.21 -22.42
N ASN A 316 1.94 -19.69 -23.27
CA ASN A 316 2.30 -20.79 -24.16
C ASN A 316 2.25 -20.34 -25.62
N SER A 317 2.96 -21.04 -26.48
CA SER A 317 3.15 -20.58 -27.86
C SER A 317 1.82 -20.25 -28.54
N GLY A 318 1.81 -19.19 -29.35
CA GLY A 318 0.61 -18.77 -30.04
C GLY A 318 -0.41 -18.08 -29.15
N ASP A 319 -0.17 -18.07 -27.85
CA ASP A 319 -1.04 -17.38 -26.92
C ASP A 319 -1.02 -15.88 -27.21
N PRO A 320 -2.11 -15.18 -26.89
CA PRO A 320 -2.10 -13.71 -26.98
C PRO A 320 -1.06 -13.11 -26.05
N TRP A 321 -0.66 -11.87 -26.29
CA TRP A 321 0.17 -11.16 -25.32
C TRP A 321 -0.66 -10.68 -24.13
N LEU A 322 -0.03 -10.63 -22.97
CA LEU A 322 -0.66 -9.99 -21.80
C LEU A 322 0.34 -9.10 -21.12
N VAL A 323 -0.06 -7.88 -20.80
CA VAL A 323 0.78 -7.03 -19.98
C VAL A 323 0.48 -7.27 -18.50
N ALA A 324 1.47 -7.79 -17.78
CA ALA A 324 1.33 -8.18 -16.38
C ALA A 324 2.60 -7.95 -15.55
N ASN A 325 2.45 -7.75 -14.24
CA ASN A 325 3.60 -7.74 -13.33
C ASN A 325 4.11 -9.18 -13.23
N VAL A 326 5.42 -9.35 -13.14
CA VAL A 326 6.01 -10.68 -12.93
C VAL A 326 7.20 -10.54 -12.00
N GLU A 327 7.43 -11.52 -11.12
CA GLU A 327 8.59 -11.42 -10.23
C GLU A 327 9.95 -11.75 -10.86
N TYR A 328 10.97 -11.09 -10.35
CA TYR A 328 12.34 -11.17 -10.88
C TYR A 328 12.82 -12.60 -11.01
N ASN A 329 12.83 -13.31 -9.89
CA ASN A 329 13.26 -14.71 -9.88
C ASN A 329 12.71 -15.43 -11.08
N VAL A 330 11.46 -15.13 -11.41
CA VAL A 330 10.79 -15.72 -12.55
C VAL A 330 11.44 -15.20 -13.83
N PHE A 331 11.83 -13.92 -13.81
CA PHE A 331 12.42 -13.24 -14.98
C PHE A 331 13.78 -13.81 -15.38
N ALA A 332 14.67 -14.01 -14.40
CA ALA A 332 15.93 -14.69 -14.65
C ALA A 332 15.68 -16.06 -15.26
N GLU A 333 14.80 -16.81 -14.63
CA GLU A 333 14.52 -18.18 -15.07
C GLU A 333 13.97 -18.24 -16.49
N VAL A 334 12.97 -17.42 -16.77
CA VAL A 334 12.30 -17.43 -18.07
C VAL A 334 13.21 -16.96 -19.20
N SER A 335 14.10 -16.02 -18.89
CA SER A 335 15.09 -15.56 -19.86
C SER A 335 16.00 -16.73 -20.27
N ARG A 336 16.23 -17.64 -19.33
CA ARG A 336 17.07 -18.79 -19.58
C ARG A 336 16.43 -19.77 -20.55
N ALA A 337 15.09 -19.80 -20.57
CA ALA A 337 14.35 -20.70 -21.44
C ALA A 337 14.52 -20.32 -22.91
N LEU A 338 14.63 -19.02 -23.17
CA LEU A 338 14.80 -18.50 -24.53
C LEU A 338 15.80 -17.35 -24.55
N GLY A 351 21.00 3.50 -17.53
CA GLY A 351 20.08 2.39 -17.73
C GLY A 351 20.07 1.41 -16.56
N PHE A 352 18.88 1.20 -15.98
CA PHE A 352 18.69 0.30 -14.85
C PHE A 352 18.28 -1.12 -15.29
N SER A 353 17.27 -1.18 -16.17
CA SER A 353 16.68 -2.42 -16.68
C SER A 353 15.67 -2.06 -17.80
N PRO A 354 15.65 -2.82 -18.91
CA PRO A 354 14.70 -2.46 -19.96
C PRO A 354 13.32 -2.43 -19.34
N PHE A 355 13.09 -3.37 -18.43
CA PHE A 355 11.79 -3.56 -17.81
C PHE A 355 11.57 -2.75 -16.52
N PRO A 356 10.43 -2.06 -16.43
CA PRO A 356 10.14 -1.23 -15.26
C PRO A 356 9.77 -2.07 -14.03
N GLY A 357 10.00 -1.49 -12.86
CA GLY A 357 9.49 -2.01 -11.60
C GLY A 357 8.17 -1.39 -11.17
N SER A 358 7.23 -2.28 -10.85
CA SER A 358 5.88 -1.96 -10.46
C SER A 358 5.80 -1.77 -8.96
N VAL A 359 5.33 -0.61 -8.52
CA VAL A 359 5.27 -0.30 -7.10
C VAL A 359 3.89 -0.59 -6.53
N ASN A 360 2.95 -1.04 -7.36
CA ASN A 360 1.62 -1.46 -6.88
C ASN A 360 0.73 -0.31 -6.41
N THR A 361 0.89 0.83 -7.08
CA THR A 361 -0.15 1.84 -7.10
C THR A 361 -0.86 1.66 -8.43
N LEU A 362 -2.10 1.20 -8.40
CA LEU A 362 -2.74 0.75 -9.65
C LEU A 362 -3.86 1.71 -9.96
N VAL A 363 -3.86 2.22 -11.21
CA VAL A 363 -4.77 3.25 -11.69
C VAL A 363 -5.64 2.70 -12.84
N PHE A 364 -6.97 2.69 -12.67
CA PHE A 364 -7.86 2.09 -13.67
C PHE A 364 -8.89 3.09 -14.18
N LYS A 365 -9.30 2.89 -15.42
CA LYS A 365 -10.52 3.49 -15.93
C LYS A 365 -11.60 2.66 -15.28
N LEU A 366 -12.53 3.32 -14.63
CA LEU A 366 -13.51 2.62 -13.82
C LEU A 366 -14.45 1.72 -14.63
N SER A 367 -14.87 2.17 -15.80
CA SER A 367 -15.82 1.37 -16.57
C SER A 367 -15.15 0.06 -16.99
N SER A 368 -13.88 0.16 -17.38
CA SER A 368 -13.13 -1.01 -17.81
C SER A 368 -12.96 -1.95 -16.63
N TYR A 369 -12.72 -1.35 -15.47
CA TYR A 369 -12.49 -2.13 -14.27
C TYR A 369 -13.75 -2.90 -13.91
N VAL A 370 -14.86 -2.19 -13.90
CA VAL A 370 -16.13 -2.82 -13.59
C VAL A 370 -16.43 -3.96 -14.57
N ASP A 371 -16.17 -3.77 -15.86
CA ASP A 371 -16.44 -4.83 -16.84
C ASP A 371 -15.72 -6.10 -16.42
N ARG A 372 -14.44 -5.96 -16.13
CA ARG A 372 -13.62 -7.12 -15.82
C ARG A 372 -14.07 -7.72 -14.50
N LEU A 373 -14.46 -6.85 -13.57
CA LEU A 373 -14.94 -7.34 -12.29
C LEU A 373 -16.22 -8.17 -12.44
N ARG A 374 -17.21 -7.66 -13.16
CA ARG A 374 -18.49 -8.33 -13.31
C ARG A 374 -18.31 -9.71 -13.92
N GLU A 375 -17.44 -9.80 -14.92
CA GLU A 375 -17.26 -11.05 -15.64
C GLU A 375 -16.48 -12.10 -14.83
N SER A 376 -15.51 -11.66 -14.04
CA SER A 376 -14.71 -12.58 -13.25
C SER A 376 -15.27 -12.76 -11.84
N HIS A 377 -16.19 -11.89 -11.44
CA HIS A 377 -16.65 -11.89 -10.06
C HIS A 377 -15.48 -11.48 -9.15
N GLY A 378 -14.51 -10.76 -9.72
CA GLY A 378 -13.39 -10.28 -8.94
C GLY A 378 -12.36 -11.34 -8.60
N ILE A 379 -12.59 -12.57 -9.08
CA ILE A 379 -11.65 -13.70 -8.91
C ILE A 379 -10.47 -13.55 -9.88
N VAL A 380 -9.25 -13.66 -9.35
CA VAL A 380 -8.10 -13.53 -10.20
C VAL A 380 -7.25 -14.79 -10.04
N PRO A 381 -6.37 -15.06 -11.02
CA PRO A 381 -5.56 -16.28 -11.02
C PRO A 381 -4.80 -16.41 -9.70
N GLU A 382 -4.62 -17.64 -9.20
CA GLU A 382 -4.00 -17.84 -7.91
C GLU A 382 -2.66 -18.53 -8.03
N PHE A 383 -1.95 -18.60 -6.91
CA PHE A 383 -0.71 -19.36 -6.84
C PHE A 383 -0.50 -19.88 -5.44
N ILE A 384 0.51 -20.71 -5.29
CA ILE A 384 0.93 -21.14 -3.98
C ILE A 384 2.44 -21.11 -3.92
N ASN A 385 2.99 -20.75 -2.77
CA ASN A 385 4.42 -20.64 -2.67
C ASN A 385 4.89 -21.28 -1.38
N PRO A 386 4.93 -22.61 -1.32
CA PRO A 386 5.26 -23.17 0.00
C PRO A 386 6.72 -22.91 0.37
N LYS A 387 6.98 -22.63 1.65
CA LYS A 387 8.35 -22.60 2.13
C LYS A 387 8.68 -23.98 2.67
N TYR A 388 9.61 -24.67 2.03
CA TYR A 388 9.99 -26.02 2.48
C TYR A 388 11.02 -26.01 3.62
N SER A 389 11.17 -27.13 4.31
CA SER A 389 12.16 -27.24 5.39
C SER A 389 13.49 -27.73 4.83
N ASP A 390 13.44 -28.34 3.65
CA ASP A 390 14.62 -28.88 2.96
C ASP A 390 14.69 -28.37 1.53
N GLU A 391 15.87 -28.49 0.92
CA GLU A 391 15.96 -28.39 -0.53
C GLU A 391 15.54 -29.74 -1.05
N THR A 392 15.55 -30.71 -0.15
CA THR A 392 15.34 -32.11 -0.49
C THR A 392 13.88 -32.53 -0.39
N ARG A 393 13.50 -33.02 0.79
CA ARG A 393 12.17 -33.58 1.06
C ARG A 393 11.02 -32.61 0.75
N ARG A 394 9.91 -33.15 0.24
CA ARG A 394 8.76 -32.33 -0.10
C ARG A 394 8.03 -31.89 1.18
N SER A 395 8.77 -31.77 2.28
CA SER A 395 8.18 -31.44 3.58
C SER A 395 8.12 -29.92 3.81
N PHE A 396 6.92 -29.40 4.09
CA PHE A 396 6.73 -27.98 4.39
C PHE A 396 7.35 -27.60 5.74
N LYS A 397 8.02 -26.46 5.80
CA LYS A 397 8.51 -25.98 7.09
C LYS A 397 7.35 -25.42 7.88
N LYS A 398 6.43 -24.77 7.16
CA LYS A 398 5.14 -24.35 7.72
C LYS A 398 4.01 -24.52 6.71
N PRO A 399 2.81 -24.79 7.22
CA PRO A 399 1.64 -24.96 6.34
C PRO A 399 1.60 -23.88 5.26
N ALA A 400 1.21 -24.26 4.05
CA ALA A 400 1.14 -23.31 2.95
C ALA A 400 -0.33 -23.03 2.70
N ARG A 401 -0.63 -21.90 2.07
CA ARG A 401 -2.00 -21.64 1.63
C ARG A 401 -2.02 -20.99 0.27
N ILE A 402 -3.17 -21.02 -0.36
CA ILE A 402 -3.30 -20.40 -1.66
C ILE A 402 -3.33 -18.88 -1.51
N GLU A 403 -2.59 -18.22 -2.39
CA GLU A 403 -2.58 -16.75 -2.38
C GLU A 403 -3.00 -16.13 -3.71
N SER A 404 -3.25 -14.83 -3.68
CA SER A 404 -3.52 -14.02 -4.87
C SER A 404 -2.99 -12.60 -4.68
N LEU A 405 -2.71 -11.94 -5.80
CA LEU A 405 -2.11 -10.62 -5.87
C LEU A 405 -3.06 -9.70 -6.58
N MET A 406 -3.25 -8.49 -6.04
CA MET A 406 -4.26 -7.59 -6.57
C MET A 406 -3.91 -7.10 -7.98
N GLN A 407 -2.62 -7.00 -8.29
CA GLN A 407 -2.23 -6.59 -9.63
C GLN A 407 -2.51 -7.66 -10.69
N ASP A 408 -2.70 -8.91 -10.28
CA ASP A 408 -2.96 -9.96 -11.26
C ASP A 408 -4.31 -9.79 -11.96
N ILE A 409 -5.11 -8.83 -11.52
CA ILE A 409 -6.30 -8.51 -12.28
C ILE A 409 -5.93 -8.13 -13.73
N ALA A 410 -4.67 -7.78 -13.95
CA ALA A 410 -4.18 -7.40 -15.27
C ALA A 410 -4.27 -8.53 -16.30
N LEU A 411 -4.37 -9.77 -15.80
CA LEU A 411 -4.41 -10.95 -16.66
C LEU A 411 -5.74 -11.04 -17.38
N LEU A 412 -6.76 -10.43 -16.79
CA LEU A 412 -8.09 -10.48 -17.35
C LEU A 412 -8.28 -9.38 -18.40
N PHE A 413 -7.23 -8.60 -18.68
CA PHE A 413 -7.36 -7.50 -19.62
C PHE A 413 -6.62 -7.81 -20.93
N SER A 414 -7.30 -8.47 -21.87
CA SER A 414 -6.66 -8.89 -23.11
C SER A 414 -6.27 -7.68 -23.93
N GLU A 415 -5.12 -7.79 -24.60
CA GLU A 415 -4.65 -6.75 -25.51
C GLU A 415 -5.63 -6.47 -26.65
N ASP A 416 -6.64 -7.33 -26.80
CA ASP A 416 -7.62 -7.17 -27.88
C ASP A 416 -8.59 -6.01 -27.68
N ASP A 417 -8.97 -5.80 -26.43
CA ASP A 417 -10.02 -4.84 -26.14
C ASP A 417 -9.67 -3.94 -24.99
N TYR A 418 -8.42 -4.00 -24.53
CA TYR A 418 -7.97 -3.17 -23.39
C TYR A 418 -6.54 -2.70 -23.52
N ARG A 419 -6.29 -1.49 -23.03
CA ARG A 419 -4.96 -0.91 -23.07
C ARG A 419 -4.38 -0.89 -21.66
N VAL A 420 -3.32 -1.67 -21.48
CA VAL A 420 -2.63 -1.78 -20.20
C VAL A 420 -1.19 -1.33 -20.38
N GLY A 421 -0.80 -0.32 -19.61
CA GLY A 421 0.55 0.20 -19.68
C GLY A 421 1.08 0.55 -18.30
N GLY A 422 2.22 1.23 -18.28
CA GLY A 422 2.85 1.72 -17.07
C GLY A 422 3.39 3.12 -17.29
N THR A 423 3.41 3.88 -16.19
CA THR A 423 4.01 5.20 -16.15
C THR A 423 5.24 5.12 -15.27
N VAL A 424 6.39 5.57 -15.76
CA VAL A 424 7.65 5.51 -14.99
C VAL A 424 7.98 6.84 -14.29
N PHE A 425 8.12 6.75 -12.98
CA PHE A 425 8.39 7.92 -12.13
C PHE A 425 9.80 7.79 -11.58
N GLU A 426 10.28 8.87 -10.98
CA GLU A 426 11.58 8.87 -10.35
C GLU A 426 11.55 7.90 -9.16
N ARG A 427 12.66 7.26 -8.91
CA ARG A 427 12.69 6.26 -7.84
C ARG A 427 12.33 6.91 -6.51
N PHE A 428 12.77 8.17 -6.37
CA PHE A 428 12.60 8.92 -5.13
C PHE A 428 11.14 9.03 -4.68
N SER A 429 10.20 8.98 -5.62
CA SER A 429 8.78 9.13 -5.30
C SER A 429 8.21 7.83 -4.71
N TYR A 430 9.07 6.80 -4.64
CA TYR A 430 8.64 5.50 -4.11
C TYR A 430 9.21 5.37 -2.70
N GLN A 431 8.37 5.42 -1.68
CA GLN A 431 8.87 5.59 -0.32
C GLN A 431 8.23 4.66 0.71
N PRO A 432 8.20 3.35 0.43
CA PRO A 432 7.52 2.47 1.40
C PRO A 432 8.32 2.27 2.68
N VAL A 433 7.63 1.98 3.77
CA VAL A 433 8.24 1.62 5.04
C VAL A 433 7.99 0.13 5.21
N LYS A 434 8.97 -0.67 4.76
CA LYS A 434 8.88 -2.13 4.53
C LYS A 434 9.77 -2.89 5.50
N ASN A 435 10.97 -2.34 5.76
CA ASN A 435 12.01 -3.05 6.50
C ASN A 435 12.31 -2.54 7.90
N SER A 436 12.62 -3.46 8.80
CA SER A 436 13.20 -3.16 10.09
C SER A 436 14.58 -2.49 9.95
N LEU A 437 15.00 -1.79 11.00
CA LEU A 437 16.32 -1.14 11.04
C LEU A 437 17.44 -2.16 10.74
N GLU A 438 17.34 -3.34 11.35
CA GLU A 438 18.33 -4.41 11.16
C GLU A 438 18.31 -4.91 9.71
N GLU A 439 17.15 -5.03 9.08
CA GLU A 439 17.13 -5.44 7.68
C GLU A 439 17.76 -4.37 6.80
N ALA A 440 17.44 -3.11 7.09
CA ALA A 440 17.93 -2.01 6.30
C ALA A 440 19.45 -1.88 6.33
N ALA A 441 20.08 -2.06 7.49
CA ALA A 441 21.54 -2.11 7.59
C ALA A 441 22.14 -3.11 6.58
N GLY A 442 21.67 -4.36 6.65
CA GLY A 442 22.10 -5.39 5.72
C GLY A 442 21.82 -4.98 4.28
N LEU A 443 20.65 -4.43 4.02
CA LEU A 443 20.32 -4.07 2.65
C LEU A 443 21.28 -3.01 2.13
N VAL A 444 21.47 -1.99 2.93
CA VAL A 444 22.33 -0.88 2.60
C VAL A 444 23.77 -1.34 2.35
N ALA A 445 24.26 -2.33 3.11
CA ALA A 445 25.60 -2.87 2.90
C ALA A 445 25.74 -3.58 1.56
N GLN A 446 24.65 -4.18 1.09
CA GLN A 446 24.63 -4.85 -0.21
C GLN A 446 24.35 -3.86 -1.32
N GLY A 447 24.42 -2.57 -1.01
CA GLY A 447 24.14 -1.52 -1.97
C GLY A 447 22.66 -1.27 -2.28
N ASN A 448 21.76 -1.84 -1.51
CA ASN A 448 20.33 -1.65 -1.80
C ASN A 448 19.60 -0.60 -0.96
N GLY A 449 18.36 -0.30 -1.35
CA GLY A 449 17.48 0.61 -0.62
C GLY A 449 17.07 0.08 0.74
N ALA A 450 17.17 0.94 1.75
CA ALA A 450 16.79 0.60 3.10
C ALA A 450 15.27 0.44 3.24
N TYR A 451 14.50 1.37 2.69
CA TYR A 451 13.02 1.37 2.81
C TYR A 451 12.54 1.04 4.19
N CYS A 452 13.01 1.79 5.19
CA CYS A 452 12.72 1.52 6.60
C CYS A 452 12.06 2.80 7.16
N ALA A 453 11.66 2.80 8.43
CA ALA A 453 11.01 3.97 9.00
C ALA A 453 11.90 5.25 8.95
N ALA A 454 13.21 5.10 9.17
CA ALA A 454 14.12 6.25 9.15
C ALA A 454 14.16 6.92 7.78
N THR A 455 14.26 6.11 6.73
CA THR A 455 14.40 6.71 5.38
C THR A 455 13.05 7.08 4.83
N GLY A 456 11.98 6.42 5.30
CA GLY A 456 10.62 6.87 5.00
C GLY A 456 10.37 8.29 5.52
N GLU A 457 10.68 8.53 6.79
CA GLU A 457 10.44 9.86 7.33
C GLU A 457 11.33 10.88 6.64
N ALA A 458 12.61 10.55 6.44
CA ALA A 458 13.54 11.46 5.79
C ALA A 458 13.14 11.78 4.36
N ALA A 459 12.68 10.77 3.63
CA ALA A 459 12.26 10.98 2.24
C ALA A 459 11.05 11.92 2.20
N PHE A 460 10.18 11.83 3.21
CA PHE A 460 9.00 12.68 3.23
C PHE A 460 9.39 14.18 3.41
N TYR A 461 10.22 14.47 4.41
CA TYR A 461 10.71 15.82 4.58
C TYR A 461 11.39 16.32 3.29
N GLU A 462 12.18 15.45 2.65
CA GLU A 462 12.92 15.87 1.46
C GLU A 462 11.96 16.15 0.31
N LEU A 463 10.90 15.35 0.24
CA LEU A 463 9.90 15.51 -0.82
C LEU A 463 9.25 16.90 -0.73
N GLN A 464 8.85 17.32 0.48
CA GLN A 464 8.26 18.64 0.65
C GLN A 464 9.24 19.71 0.16
N ARG A 465 10.49 19.57 0.57
CA ARG A 465 11.51 20.54 0.17
C ARG A 465 11.70 20.62 -1.34
N ARG A 466 11.79 19.48 -2.03
CA ARG A 466 12.01 19.50 -3.47
C ARG A 466 10.84 20.16 -4.21
N ARG A 467 9.65 19.88 -3.72
CA ARG A 467 8.42 20.44 -4.28
C ARG A 467 8.39 21.97 -4.12
N LEU A 468 8.77 22.43 -2.94
CA LEU A 468 8.67 23.82 -2.59
C LEU A 468 9.74 24.57 -3.36
N LYS A 469 10.91 23.96 -3.52
CA LYS A 469 11.92 24.63 -4.31
C LYS A 469 11.46 24.75 -5.77
N ALA A 470 10.62 23.82 -6.22
CA ALA A 470 10.21 23.78 -7.60
C ALA A 470 9.34 25.02 -7.98
N ILE A 471 8.77 25.67 -6.97
CA ILE A 471 8.02 26.90 -7.18
C ILE A 471 8.82 28.11 -6.72
N GLY A 472 10.13 27.95 -6.52
CA GLY A 472 11.00 29.08 -6.22
C GLY A 472 11.25 29.41 -4.76
N LEU A 473 10.76 28.62 -3.83
CA LEU A 473 11.18 28.85 -2.45
C LEU A 473 12.71 28.65 -2.33
N PRO A 474 13.43 29.61 -1.73
CA PRO A 474 14.88 29.41 -1.75
C PRO A 474 15.37 28.64 -0.50
N LEU A 475 15.39 27.30 -0.60
CA LEU A 475 15.85 26.51 0.51
C LEU A 475 17.31 26.13 0.30
N PHE A 476 18.18 26.70 1.13
CA PHE A 476 19.55 26.21 1.14
C PHE A 476 19.78 25.29 2.33
N TYR A 477 20.34 24.13 2.05
CA TYR A 477 20.64 23.18 3.13
C TYR A 477 21.61 22.11 2.70
N SER A 478 22.34 21.62 3.71
CA SER A 478 23.34 20.57 3.60
C SER A 478 22.73 19.26 3.12
N SER A 479 23.49 18.56 2.29
CA SER A 479 23.12 17.20 1.94
C SER A 479 23.59 16.16 2.99
N GLN A 480 24.33 16.61 4.01
CA GLN A 480 24.92 15.67 4.97
C GLN A 480 23.89 15.08 5.96
N PRO A 481 24.09 13.82 6.39
CA PRO A 481 23.12 13.24 7.32
C PRO A 481 23.22 13.89 8.70
N GLU A 482 22.15 13.89 9.49
CA GLU A 482 22.22 14.60 10.76
C GLU A 482 22.18 13.64 11.96
N VAL A 483 21.91 12.38 11.68
CA VAL A 483 21.89 11.40 12.73
C VAL A 483 22.26 10.09 12.06
N THR A 484 22.89 9.17 12.78
CA THR A 484 23.10 7.85 12.21
C THR A 484 22.31 6.79 12.95
N VAL A 485 21.85 5.76 12.23
CA VAL A 485 20.96 4.78 12.85
C VAL A 485 21.54 3.40 12.62
N ALA A 486 20.89 2.36 13.12
CA ALA A 486 21.35 1.00 12.85
C ALA A 486 22.82 0.80 13.21
N LYS A 487 23.18 1.00 14.48
CA LYS A 487 24.58 0.90 14.92
C LYS A 487 25.57 1.57 13.98
N ASP A 488 25.30 2.81 13.57
CA ASP A 488 26.29 3.56 12.80
C ASP A 488 26.44 3.04 11.36
N ALA A 489 25.44 2.31 10.86
CA ALA A 489 25.46 1.76 9.50
C ALA A 489 25.21 2.82 8.40
N PHE A 490 24.22 3.69 8.62
CA PHE A 490 23.94 4.76 7.67
C PHE A 490 23.31 5.97 8.35
N GLY A 491 23.28 7.12 7.68
CA GLY A 491 22.67 8.30 8.25
C GLY A 491 21.51 8.83 7.43
N VAL A 492 20.64 9.59 8.09
CA VAL A 492 19.62 10.36 7.40
C VAL A 492 19.70 11.81 7.85
N ARG A 493 19.10 12.70 7.07
CA ARG A 493 18.90 14.05 7.54
C ARG A 493 17.40 14.34 7.58
N LEU A 494 17.01 15.25 8.46
CA LEU A 494 15.60 15.58 8.55
C LEU A 494 15.32 17.05 8.20
N PHE A 495 16.22 17.93 8.61
CA PHE A 495 15.94 19.36 8.56
C PHE A 495 16.36 19.97 7.22
N PRO A 496 15.73 21.11 6.81
CA PRO A 496 14.60 21.73 7.53
C PRO A 496 13.29 20.98 7.33
N ILE A 497 12.49 20.97 8.39
CA ILE A 497 11.23 20.28 8.39
C ILE A 497 10.11 21.28 8.03
N ILE A 498 9.39 20.96 6.95
CA ILE A 498 8.29 21.77 6.48
C ILE A 498 7.08 20.91 6.19
N VAL A 499 6.07 21.02 7.04
CA VAL A 499 4.89 20.19 6.85
C VAL A 499 3.61 21.02 6.75
N LEU A 500 2.97 20.98 5.57
CA LEU A 500 1.73 21.74 5.30
C LEU A 500 0.56 20.82 5.29
N ASP A 501 -0.52 21.17 6.02
CA ASP A 501 -1.65 20.25 6.06
C ASP A 501 -2.55 20.36 4.80
N THR A 502 -3.59 19.53 4.68
CA THR A 502 -4.35 19.47 3.44
C THR A 502 -5.25 20.72 3.27
N VAL A 503 -5.62 21.36 4.36
CA VAL A 503 -6.34 22.60 4.20
C VAL A 503 -5.36 23.64 3.60
N CYS A 504 -4.13 23.69 4.15
CA CYS A 504 -3.16 24.68 3.72
C CYS A 504 -2.76 24.46 2.28
N ALA A 505 -2.39 23.22 1.97
CA ALA A 505 -1.71 22.94 0.72
C ALA A 505 -2.65 22.29 -0.29
N SER A 506 -3.87 21.97 0.13
CA SER A 506 -4.85 21.43 -0.79
C SER A 506 -4.37 20.09 -1.39
N SER A 507 -4.40 19.93 -2.71
CA SER A 507 -3.99 18.66 -3.32
C SER A 507 -2.48 18.44 -3.29
N GLY A 508 -1.73 19.49 -3.01
CA GLY A 508 -0.27 19.39 -3.06
C GLY A 508 0.31 19.57 -4.48
N SER A 509 -0.53 19.94 -5.46
CA SER A 509 0.03 20.36 -6.77
C SER A 509 0.99 21.54 -6.59
N LEU A 510 1.91 21.69 -7.54
CA LEU A 510 2.79 22.86 -7.56
C LEU A 510 1.98 24.20 -7.52
N ASP A 511 0.91 24.27 -8.32
CA ASP A 511 0.03 25.43 -8.30
C ASP A 511 -0.56 25.63 -6.91
N ASP A 512 -0.97 24.55 -6.26
CA ASP A 512 -1.55 24.66 -4.92
C ASP A 512 -0.48 25.13 -3.94
N LEU A 513 0.75 24.70 -4.13
CA LEU A 513 1.82 25.13 -3.24
C LEU A 513 2.14 26.60 -3.44
N ALA A 514 2.08 27.06 -4.70
CA ALA A 514 2.33 28.45 -5.03
C ALA A 514 1.27 29.41 -4.43
N ARG A 515 0.09 28.89 -4.07
CA ARG A 515 -0.90 29.76 -3.43
C ARG A 515 -0.55 29.97 -1.98
N VAL A 516 0.16 29.01 -1.39
CA VAL A 516 0.65 29.21 -0.02
C VAL A 516 1.83 30.19 0.02
N PHE A 517 2.67 30.17 -1.01
CA PHE A 517 3.83 31.03 -1.09
C PHE A 517 3.81 31.90 -2.36
N PRO A 518 2.94 32.93 -2.40
CA PRO A 518 2.80 33.66 -3.67
C PRO A 518 4.02 34.55 -4.07
N THR A 519 4.86 34.90 -3.09
CA THR A 519 6.11 35.60 -3.35
C THR A 519 7.29 34.87 -2.68
N PRO A 520 7.63 33.68 -3.20
CA PRO A 520 8.49 32.76 -2.44
C PRO A 520 9.89 33.30 -2.14
N GLU A 521 10.35 34.24 -2.97
CA GLU A 521 11.67 34.83 -2.76
C GLU A 521 11.79 35.62 -1.46
N LYS A 522 10.68 35.89 -0.78
CA LYS A 522 10.75 36.64 0.49
C LYS A 522 10.58 35.72 1.71
N VAL A 523 10.68 34.41 1.48
CA VAL A 523 10.53 33.47 2.57
C VAL A 523 11.87 32.78 2.81
N HIS A 524 12.43 33.02 3.98
CA HIS A 524 13.78 32.56 4.26
C HIS A 524 13.81 31.56 5.43
N ILE A 525 13.76 30.28 5.08
CA ILE A 525 13.72 29.23 6.09
C ILE A 525 15.11 28.62 6.20
N ASP A 526 15.72 28.83 7.34
CA ASP A 526 17.05 28.31 7.58
C ASP A 526 17.05 26.77 7.67
N GLN A 527 18.17 26.18 7.29
CA GLN A 527 18.33 24.73 7.17
C GLN A 527 18.02 23.92 8.44
N HIS A 528 18.04 24.57 9.62
CA HIS A 528 17.76 23.91 10.91
C HIS A 528 16.33 24.15 11.40
N SER A 529 15.50 24.78 10.59
CA SER A 529 14.19 25.22 11.04
C SER A 529 13.09 24.19 10.91
N THR A 530 12.00 24.45 11.62
CA THR A 530 10.78 23.65 11.52
C THR A 530 9.61 24.59 11.24
N LEU A 531 8.90 24.33 10.15
CA LEU A 531 7.72 25.15 9.83
C LEU A 531 6.50 24.20 9.71
N ILE A 532 5.54 24.35 10.62
N ILE A 532 5.56 24.31 10.65
CA ILE A 532 4.33 23.54 10.56
CA ILE A 532 4.32 23.54 10.60
C ILE A 532 3.16 24.46 10.27
C ILE A 532 3.19 24.50 10.23
N VAL A 533 2.43 24.17 9.20
CA VAL A 533 1.31 24.99 8.78
C VAL A 533 -0.02 24.24 8.67
N GLU A 534 -1.03 24.73 9.39
CA GLU A 534 -2.33 24.10 9.43
C GLU A 534 -3.41 25.12 9.11
N GLY A 535 -4.33 24.77 8.23
CA GLY A 535 -5.43 25.66 7.95
C GLY A 535 -5.18 26.56 6.76
N ARG A 536 -6.11 27.47 6.50
CA ARG A 536 -6.02 28.41 5.40
C ARG A 536 -4.97 29.44 5.73
N VAL A 537 -3.77 29.26 5.20
CA VAL A 537 -2.66 30.16 5.49
C VAL A 537 -1.96 30.58 4.21
N ILE A 538 -1.60 31.85 4.12
CA ILE A 538 -0.77 32.30 3.01
C ILE A 538 0.45 32.91 3.65
N ILE A 539 1.62 32.52 3.18
CA ILE A 539 2.87 33.08 3.70
C ILE A 539 3.54 33.92 2.63
N GLU A 540 3.42 35.23 2.80
CA GLU A 540 4.03 36.18 1.86
C GLU A 540 5.49 36.42 2.15
N SER A 541 5.81 36.59 3.42
CA SER A 541 7.16 36.96 3.77
C SER A 541 7.45 36.53 5.18
N LEU A 542 8.60 35.89 5.34
CA LEU A 542 8.97 35.24 6.58
C LEU A 542 10.50 35.05 6.70
N GLU A 543 11.02 35.31 7.88
CA GLU A 543 12.37 34.89 8.18
C GLU A 543 12.30 33.95 9.37
N LEU A 544 12.76 32.71 9.17
CA LEU A 544 12.60 31.66 10.19
C LEU A 544 13.90 30.97 10.55
N TYR A 545 14.29 31.15 11.82
CA TYR A 545 15.48 30.57 12.39
C TYR A 545 15.04 29.88 13.68
N GLY A 546 14.50 28.68 13.55
CA GLY A 546 13.84 28.06 14.68
C GLY A 546 12.57 27.31 14.29
N ALA A 547 11.60 27.17 15.20
CA ALA A 547 10.43 26.37 14.89
C ALA A 547 9.20 27.20 15.08
N LEU A 548 8.25 26.99 14.17
CA LEU A 548 7.10 27.84 14.05
C LEU A 548 5.91 27.00 13.58
N THR A 549 4.78 27.17 14.24
CA THR A 549 3.51 26.64 13.76
C THR A 549 2.60 27.82 13.36
N ILE A 550 2.08 27.81 12.14
CA ILE A 550 1.11 28.82 11.76
C ILE A 550 -0.24 28.14 11.55
N ARG A 551 -1.26 28.63 12.26
CA ARG A 551 -2.59 28.05 12.16
C ARG A 551 -3.54 29.07 11.55
N GLY A 552 -4.35 28.60 10.61
CA GLY A 552 -5.43 29.41 10.05
C GLY A 552 -6.75 28.68 10.17
N PRO A 553 -7.83 29.24 9.58
CA PRO A 553 -9.17 28.65 9.58
C PRO A 553 -9.23 27.21 9.06
N THR A 554 -9.86 26.31 9.82
CA THR A 554 -9.99 24.90 9.42
C THR A 554 -10.90 24.75 8.23
N ASP A 555 -11.72 25.76 8.00
CA ASP A 555 -12.62 25.81 6.87
C ASP A 555 -11.84 26.16 5.61
N SER A 556 -11.81 25.24 4.65
CA SER A 556 -11.12 25.47 3.36
C SER A 556 -11.62 26.73 2.64
N MET A 557 -12.88 27.13 2.90
CA MET A 557 -13.47 28.24 2.20
C MET A 557 -13.44 29.54 2.97
N ALA A 558 -12.86 29.54 4.16
CA ALA A 558 -12.80 30.78 4.95
C ALA A 558 -11.70 31.76 4.50
N LEU A 559 -11.72 32.98 5.04
CA LEU A 559 -10.70 33.99 4.74
C LEU A 559 -9.33 33.63 5.34
N PRO A 560 -8.27 33.60 4.53
CA PRO A 560 -6.97 33.07 5.00
C PRO A 560 -6.25 33.94 6.01
N HIS A 561 -5.53 33.29 6.92
CA HIS A 561 -4.57 33.96 7.78
C HIS A 561 -3.31 34.24 6.97
N VAL A 562 -2.97 35.52 6.82
CA VAL A 562 -1.90 35.97 5.93
C VAL A 562 -0.72 36.46 6.75
N VAL A 563 0.46 35.91 6.49
CA VAL A 563 1.66 36.20 7.25
C VAL A 563 2.59 37.05 6.41
N ARG A 564 2.93 38.24 6.88
CA ARG A 564 3.90 39.10 6.19
C ARG A 564 4.86 39.71 7.18
N ASN A 565 6.11 39.89 6.75
CA ASN A 565 7.16 40.47 7.59
C ASN A 565 7.33 39.77 8.93
N ALA A 566 7.06 38.48 8.96
CA ALA A 566 7.33 37.72 10.17
C ALA A 566 8.83 37.46 10.32
N VAL A 567 9.32 37.56 11.54
CA VAL A 567 10.71 37.22 11.86
C VAL A 567 10.66 36.37 13.12
N VAL A 568 11.09 35.11 13.01
CA VAL A 568 10.97 34.20 14.13
C VAL A 568 12.29 33.51 14.39
N ARG A 569 12.82 33.72 15.59
CA ARG A 569 14.06 33.11 16.07
C ARG A 569 13.86 32.41 17.42
N ASN A 570 14.22 31.14 17.49
CA ASN A 570 14.15 30.43 18.77
C ASN A 570 15.08 29.22 18.72
N ALA A 571 15.22 28.48 19.81
CA ALA A 571 16.05 27.24 19.84
C ALA A 571 15.62 26.12 18.82
N GLY A 572 14.38 26.19 18.36
CA GLY A 572 13.84 25.19 17.44
C GLY A 572 13.93 23.75 17.97
N TRP A 573 14.11 22.84 17.03
CA TRP A 573 14.09 21.42 17.30
C TRP A 573 15.45 20.83 16.98
N SER A 574 15.77 19.68 17.57
CA SER A 574 16.89 18.90 17.09
C SER A 574 16.52 17.41 16.96
N VAL A 575 17.46 16.60 16.50
CA VAL A 575 17.25 15.16 16.42
C VAL A 575 18.51 14.51 16.90
N HIS A 576 18.37 13.39 17.61
CA HIS A 576 19.53 12.62 18.02
C HIS A 576 19.21 11.13 18.02
N ALA A 577 20.27 10.34 17.98
CA ALA A 577 20.12 8.92 17.83
C ALA A 577 19.76 8.25 19.16
N ILE A 578 19.01 7.17 19.07
CA ILE A 578 18.73 6.37 20.27
C ILE A 578 19.96 5.56 20.58
N LEU A 579 20.50 5.73 21.79
CA LEU A 579 21.73 5.07 22.19
C LEU A 579 21.50 3.59 22.49
N SER A 580 22.50 2.77 22.19
CA SER A 580 22.51 1.34 22.51
C SER A 580 21.94 1.05 23.89
N LEU A 581 22.29 1.90 24.85
CA LEU A 581 21.99 1.69 26.26
C LEU A 581 20.56 2.11 26.61
N CYS A 582 19.61 1.18 26.47
CA CYS A 582 18.19 1.48 26.65
C CYS A 582 17.55 1.00 27.98
N ALA A 583 16.99 1.93 28.74
CA ALA A 583 16.22 1.61 29.94
C ALA A 583 14.78 1.27 29.56
N GLY A 584 14.16 0.42 30.36
CA GLY A 584 12.81 -0.02 30.11
C GLY A 584 11.92 -0.01 31.35
N ARG A 585 12.10 1.00 32.20
CA ARG A 585 11.23 1.18 33.37
C ARG A 585 10.63 2.59 33.42
N ASP A 586 11.39 3.59 32.96
CA ASP A 586 10.95 4.99 33.02
C ASP A 586 11.16 5.77 31.71
N SER A 587 11.36 5.06 30.59
CA SER A 587 11.56 5.69 29.28
C SER A 587 10.24 5.91 28.55
N ARG A 588 10.09 7.09 27.95
CA ARG A 588 8.93 7.36 27.11
C ARG A 588 9.23 6.99 25.64
N LEU A 589 10.21 6.12 25.42
CA LEU A 589 10.50 5.54 24.09
C LEU A 589 9.56 4.38 23.73
N SER A 590 8.94 4.50 22.57
CA SER A 590 7.93 3.57 22.08
C SER A 590 8.55 2.83 20.92
N GLU A 591 7.83 1.84 20.38
CA GLU A 591 8.23 1.18 19.16
C GLU A 591 8.38 2.15 18.00
N VAL A 592 7.49 3.12 17.92
CA VAL A 592 7.61 4.15 16.88
C VAL A 592 9.00 4.83 16.81
N ASP A 593 9.54 5.16 17.97
CA ASP A 593 10.88 5.75 18.05
C ASP A 593 11.91 4.68 17.65
N ARG A 594 11.83 3.51 18.28
CA ARG A 594 12.83 2.46 18.08
C ARG A 594 12.99 1.97 16.65
N ILE A 595 11.92 1.88 15.89
CA ILE A 595 12.04 1.39 14.53
C ILE A 595 12.65 2.43 13.58
N ARG A 596 12.78 3.68 14.02
CA ARG A 596 13.48 4.62 13.17
C ARG A 596 14.90 4.92 13.70
N GLY A 597 15.14 4.67 14.99
CA GLY A 597 16.47 4.82 15.59
C GLY A 597 16.86 6.25 16.01
N PHE A 598 15.91 7.19 16.01
CA PHE A 598 16.22 8.54 16.46
C PHE A 598 14.94 9.15 17.03
N VAL A 599 15.07 10.25 17.76
N VAL A 599 15.08 10.27 17.72
CA VAL A 599 13.92 10.97 18.26
CA VAL A 599 13.93 10.96 18.25
C VAL A 599 14.12 12.44 17.91
C VAL A 599 14.11 12.46 17.99
N LEU A 600 13.03 13.12 17.62
CA LEU A 600 13.05 14.58 17.50
C LEU A 600 12.94 15.17 18.91
N LYS A 601 13.77 16.17 19.21
CA LYS A 601 13.60 16.92 20.44
C LYS A 601 12.90 18.22 20.10
N LYS A 602 11.68 18.37 20.61
CA LYS A 602 10.85 19.48 20.19
C LYS A 602 11.02 20.58 21.21
N THR A 603 12.24 21.11 21.27
CA THR A 603 12.66 21.99 22.34
C THR A 603 11.86 23.29 22.40
N ALA A 604 11.72 23.98 21.29
CA ALA A 604 10.99 25.24 21.34
C ALA A 604 10.03 25.38 20.17
N MET A 605 9.15 26.35 20.22
CA MET A 605 8.15 26.43 19.18
C MET A 605 7.33 27.71 19.24
N ALA A 606 7.39 28.51 18.20
CA ALA A 606 6.55 29.68 18.16
C ALA A 606 5.22 29.29 17.51
N VAL A 607 4.12 29.79 18.05
CA VAL A 607 2.79 29.61 17.46
C VAL A 607 2.20 30.94 16.96
N MET A 608 1.78 31.00 15.70
CA MET A 608 0.96 32.11 15.21
C MET A 608 -0.44 31.63 14.85
N ASP A 609 -1.46 32.03 15.62
CA ASP A 609 -2.87 31.66 15.33
C ASP A 609 -3.71 32.77 14.66
N CYS A 610 -5.00 32.45 14.50
CA CYS A 610 -6.04 33.31 13.93
C CYS A 610 -6.31 33.01 12.45
#